data_3DDE
#
_entry.id   3DDE
#
_cell.length_a   92.810
_cell.length_b   66.000
_cell.length_c   84.380
_cell.angle_alpha   90.000
_cell.angle_beta   90.000
_cell.angle_gamma   90.000
#
_symmetry.space_group_name_H-M   'P 21 21 2'
#
loop_
_entity.id
_entity.type
_entity.pdbx_description
1 polymer 'TENA/THI-4 protein, Domain of Unknown Function with a Heme Oxygenase-like Fold'
2 non-polymer DI(HYDROXYETHYL)ETHER
3 non-polymer 'NITRATE ION'
4 non-polymer 1,2-ETHANEDIOL
5 non-polymer 'TRIETHYLENE GLYCOL'
6 water water
#
_entity_poly.entity_id   1
_entity_poly.type   'polypeptide(L)'
_entity_poly.pdbx_seq_one_letter_code
;G(MSE)SIIDLTKLEQKVAT(MSE)WDSILTNSPFIHEVLDGKATKALYAIY(MSE)TETYHYTKHNAKNQALVGI
(MSE)GKDLPGKYLSFCFHHAHEEAGHEL(MSE)ALSDIASIGFDREDVLSSKPLPATETLIAYLYWISATGNPVQRLGY
SYWAENVYGYIDPVLKAIQSTLDLTPQS(MSE)KFFIAHSKIDAKHAEEVNE(MSE)LHEVCKTQEDVDSVVAV(MSE)E
NSLVLTARILDDVWKEYQLFQSGASDRYAFLRDNA
;
_entity_poly.pdbx_strand_id   A,B
#
loop_
_chem_comp.id
_chem_comp.type
_chem_comp.name
_chem_comp.formula
EDO non-polymer 1,2-ETHANEDIOL 'C2 H6 O2'
NO3 non-polymer 'NITRATE ION' 'N O3 -1'
PEG non-polymer DI(HYDROXYETHYL)ETHER 'C4 H10 O3'
PGE non-polymer 'TRIETHYLENE GLYCOL' 'C6 H14 O4'
#
# COMPACT_ATOMS: atom_id res chain seq x y z
N SER A 3 -6.88 19.89 -18.86
CA SER A 3 -6.43 19.82 -17.44
C SER A 3 -6.53 21.18 -16.73
N ILE A 4 -6.93 21.16 -15.47
CA ILE A 4 -7.11 22.37 -14.66
C ILE A 4 -5.81 22.83 -13.97
N ILE A 5 -4.85 21.92 -13.78
CA ILE A 5 -3.60 22.28 -13.12
C ILE A 5 -2.59 22.76 -14.16
N ASP A 6 -1.86 23.81 -13.79
CA ASP A 6 -0.83 24.39 -14.64
C ASP A 6 0.50 24.08 -13.96
N LEU A 7 1.19 23.07 -14.48
CA LEU A 7 2.45 22.63 -13.90
C LEU A 7 3.61 23.62 -14.08
N THR A 8 3.50 24.54 -15.03
CA THR A 8 4.53 25.55 -15.19
C THR A 8 4.48 26.51 -13.98
N LYS A 9 3.28 26.74 -13.45
CA LYS A 9 3.12 27.58 -12.27
C LYS A 9 3.72 26.90 -11.04
N LEU A 10 3.49 25.59 -10.87
CA LEU A 10 4.10 24.85 -9.75
C LEU A 10 5.63 24.83 -9.90
N GLU A 11 6.11 24.53 -11.10
CA GLU A 11 7.55 24.55 -11.39
C GLU A 11 8.17 25.88 -10.99
N GLN A 12 7.46 26.98 -11.25
CA GLN A 12 7.94 28.31 -10.90
C GLN A 12 8.03 28.52 -9.39
N LYS A 13 7.05 28.01 -8.63
CA LYS A 13 7.08 28.17 -7.16
CA LYS A 13 7.07 28.14 -7.16
C LYS A 13 8.22 27.33 -6.57
N VAL A 14 8.42 26.12 -7.10
CA VAL A 14 9.50 25.24 -6.64
C VAL A 14 10.86 25.87 -6.90
N ALA A 15 11.06 26.43 -8.10
CA ALA A 15 12.31 27.09 -8.47
C ALA A 15 12.64 28.29 -7.57
N THR A 16 11.60 29.02 -7.16
CA THR A 16 11.75 30.15 -6.25
C THR A 16 12.17 29.68 -4.86
N MSE A 17 11.58 28.57 -4.41
CA MSE A 17 11.91 28.02 -3.09
C MSE A 17 13.32 27.44 -2.99
O MSE A 17 14.00 27.67 -1.99
CB MSE A 17 10.90 26.95 -2.68
CG MSE A 17 9.53 27.55 -2.39
SE MSE A 17 8.25 26.23 -1.89
CE MSE A 17 9.00 25.62 -0.25
N TRP A 18 13.76 26.69 -4.01
CA TRP A 18 15.13 26.15 -4.02
C TRP A 18 16.17 27.28 -4.01
N ASP A 19 15.90 28.31 -4.82
CA ASP A 19 16.79 29.46 -4.86
C ASP A 19 17.06 30.02 -3.46
N SER A 20 16.01 30.15 -2.68
CA SER A 20 16.09 30.65 -1.33
C SER A 20 16.87 29.68 -0.42
N ILE A 21 16.52 28.40 -0.48
CA ILE A 21 17.16 27.36 0.33
C ILE A 21 18.65 27.26 0.07
N LEU A 22 19.04 27.30 -1.21
CA LEU A 22 20.44 27.18 -1.61
C LEU A 22 21.24 28.45 -1.30
N THR A 23 20.57 29.60 -1.36
CA THR A 23 21.22 30.87 -1.06
C THR A 23 21.41 31.09 0.44
N ASN A 24 20.53 30.52 1.26
CA ASN A 24 20.55 30.76 2.70
C ASN A 24 21.08 29.63 3.61
N SER A 25 21.15 28.40 3.11
CA SER A 25 21.63 27.27 3.92
C SER A 25 23.14 27.26 4.12
N PRO A 26 23.62 27.36 5.38
CA PRO A 26 25.06 27.30 5.58
C PRO A 26 25.61 25.93 5.20
N PHE A 27 24.77 24.90 5.36
CA PHE A 27 25.11 23.53 4.99
C PHE A 27 25.46 23.48 3.51
N ILE A 28 24.59 24.05 2.67
CA ILE A 28 24.79 24.07 1.22
C ILE A 28 26.04 24.86 0.83
N HIS A 29 26.31 25.99 1.49
CA HIS A 29 27.50 26.78 1.15
C HIS A 29 28.76 26.02 1.54
N GLU A 30 28.73 25.40 2.72
CA GLU A 30 29.87 24.61 3.20
C GLU A 30 30.26 23.56 2.15
N VAL A 31 29.24 22.90 1.58
CA VAL A 31 29.45 21.87 0.56
C VAL A 31 30.01 22.47 -0.74
N LEU A 32 29.35 23.49 -1.27
CA LEU A 32 29.78 24.10 -2.55
C LEU A 32 31.18 24.75 -2.52
N ASP A 33 31.61 25.18 -1.34
N ASP A 33 31.54 25.35 -1.39
CA ASP A 33 32.96 25.73 -1.17
CA ASP A 33 32.82 26.07 -1.24
C ASP A 33 34.00 24.61 -1.31
C ASP A 33 33.69 25.51 -0.12
N GLY A 34 33.55 23.37 -1.12
N GLY A 34 33.45 25.98 1.11
CA GLY A 34 34.42 22.20 -1.23
CA GLY A 34 34.22 25.51 2.26
C GLY A 34 34.94 21.76 0.12
C GLY A 34 34.80 24.14 1.98
N LYS A 35 34.22 22.15 1.17
N LYS A 35 34.22 23.11 2.60
CA LYS A 35 34.63 21.81 2.52
CA LYS A 35 34.67 21.74 2.38
C LYS A 35 33.77 20.75 3.22
C LYS A 35 33.83 20.74 3.18
N ALA A 36 33.08 19.90 2.46
CA ALA A 36 32.27 18.85 3.07
C ALA A 36 33.21 17.76 3.62
N THR A 37 32.77 17.08 4.67
CA THR A 37 33.56 16.01 5.29
C THR A 37 32.71 14.74 5.36
N LYS A 38 33.33 13.62 5.70
CA LYS A 38 32.62 12.35 5.82
C LYS A 38 31.52 12.47 6.88
N ALA A 39 31.86 13.06 8.02
CA ALA A 39 30.93 13.25 9.14
C ALA A 39 29.70 14.07 8.72
N LEU A 40 29.92 15.14 7.98
CA LEU A 40 28.81 15.97 7.51
C LEU A 40 27.87 15.17 6.60
N TYR A 41 28.45 14.42 5.66
CA TYR A 41 27.68 13.61 4.73
C TYR A 41 26.87 12.54 5.47
N ALA A 42 27.50 11.92 6.47
CA ALA A 42 26.84 10.88 7.28
C ALA A 42 25.66 11.46 8.09
N ILE A 43 25.89 12.56 8.79
CA ILE A 43 24.84 13.22 9.60
C ILE A 43 23.61 13.47 8.73
N TYR A 44 23.85 14.08 7.56
CA TYR A 44 22.80 14.32 6.61
C TYR A 44 22.15 13.04 6.00
N MSE A 45 22.93 12.02 5.66
CA MSE A 45 22.37 10.79 5.07
C MSE A 45 21.58 10.00 6.12
O MSE A 45 20.62 9.29 5.79
CB MSE A 45 23.47 9.90 4.46
CG MSE A 45 24.14 10.42 3.16
SE MSE A 45 22.84 10.83 1.62
CE MSE A 45 21.91 9.08 1.57
N THR A 46 21.96 10.16 7.39
CA THR A 46 21.23 9.53 8.50
C THR A 46 19.82 10.09 8.58
N GLU A 47 19.65 11.41 8.47
CA GLU A 47 18.31 12.00 8.53
C GLU A 47 17.49 11.65 7.30
N THR A 48 18.16 11.54 6.15
CA THR A 48 17.49 11.14 4.93
C THR A 48 16.94 9.74 5.10
N TYR A 49 17.74 8.89 5.75
CA TYR A 49 17.36 7.51 6.04
C TYR A 49 16.11 7.48 6.90
N HIS A 50 16.08 8.33 7.94
CA HIS A 50 14.95 8.39 8.87
C HIS A 50 13.62 8.74 8.22
N TYR A 51 13.57 9.78 7.41
CA TYR A 51 12.29 10.13 6.79
C TYR A 51 11.95 9.25 5.57
N THR A 52 12.96 8.82 4.82
CA THR A 52 12.75 7.98 3.64
C THR A 52 12.10 6.66 4.04
N LYS A 53 12.45 6.19 5.23
CA LYS A 53 11.96 4.97 5.84
C LYS A 53 10.42 4.91 5.93
N HIS A 54 9.79 6.09 5.98
CA HIS A 54 8.34 6.19 6.12
C HIS A 54 7.57 6.51 4.85
N ASN A 55 8.26 6.78 3.74
CA ASN A 55 7.56 7.23 2.53
C ASN A 55 6.65 6.24 1.83
N ALA A 56 7.07 4.98 1.75
CA ALA A 56 6.25 3.92 1.18
C ALA A 56 4.98 3.79 2.01
N LYS A 57 5.13 3.86 3.33
CA LYS A 57 4.04 3.71 4.28
C LYS A 57 3.03 4.85 4.19
N ASN A 58 3.48 6.10 4.22
CA ASN A 58 2.53 7.19 4.11
C ASN A 58 1.89 7.32 2.71
N GLN A 59 2.59 6.86 1.66
CA GLN A 59 2.01 6.81 0.33
C GLN A 59 0.87 5.77 0.28
N ALA A 60 1.11 4.59 0.85
CA ALA A 60 0.09 3.55 0.90
C ALA A 60 -1.12 4.03 1.73
N LEU A 61 -0.87 4.86 2.73
CA LEU A 61 -1.93 5.36 3.60
C LEU A 61 -2.98 6.22 2.87
N VAL A 62 -2.56 7.00 1.87
CA VAL A 62 -3.50 7.78 1.06
C VAL A 62 -4.58 6.84 0.47
N GLY A 63 -4.15 5.68 -0.02
CA GLY A 63 -5.06 4.70 -0.62
C GLY A 63 -6.01 4.01 0.36
N ILE A 64 -5.58 3.89 1.61
CA ILE A 64 -6.40 3.31 2.65
C ILE A 64 -7.40 4.31 3.22
N MSE A 65 -6.97 5.55 3.43
CA MSE A 65 -7.82 6.60 4.05
C MSE A 65 -8.64 7.44 3.08
O MSE A 65 -9.69 7.97 3.48
CB MSE A 65 -6.94 7.57 4.85
CG MSE A 65 -6.17 6.93 5.94
SE MSE A 65 -7.26 6.06 7.24
CE MSE A 65 -7.99 7.67 8.10
N GLY A 66 -8.17 7.58 1.84
CA GLY A 66 -8.86 8.37 0.83
C GLY A 66 -10.21 7.73 0.53
N LYS A 67 -11.24 8.58 0.41
CA LYS A 67 -12.59 8.12 0.12
C LYS A 67 -12.92 8.35 -1.36
N ASP A 68 -13.46 7.31 -1.99
CA ASP A 68 -13.86 7.40 -3.40
C ASP A 68 -12.79 8.00 -4.30
N LEU A 69 -11.62 7.37 -4.29
CA LEU A 69 -10.53 7.83 -5.13
C LEU A 69 -10.73 7.27 -6.54
N PRO A 70 -10.34 8.05 -7.57
CA PRO A 70 -10.42 7.46 -8.89
C PRO A 70 -9.62 6.16 -8.91
N GLY A 71 -10.08 5.18 -9.70
CA GLY A 71 -9.42 3.88 -9.77
C GLY A 71 -7.92 3.94 -10.02
N LYS A 72 -7.53 4.81 -10.93
CA LYS A 72 -6.12 4.98 -11.30
C LYS A 72 -5.30 5.52 -10.13
N TYR A 73 -5.91 6.38 -9.32
CA TYR A 73 -5.22 6.96 -8.16
C TYR A 73 -5.01 5.94 -7.05
N LEU A 74 -5.97 5.07 -6.78
CA LEU A 74 -5.78 4.03 -5.76
C LEU A 74 -4.64 3.11 -6.20
N SER A 75 -4.64 2.68 -7.46
CA SER A 75 -3.56 1.82 -7.98
C SER A 75 -2.22 2.52 -7.85
N PHE A 76 -2.20 3.81 -8.21
CA PHE A 76 -1.00 4.63 -8.14
C PHE A 76 -0.40 4.61 -6.72
N CYS A 77 -1.23 4.82 -5.70
CA CYS A 77 -0.76 4.83 -4.31
C CYS A 77 -0.07 3.54 -3.89
N PHE A 78 -0.68 2.40 -4.21
CA PHE A 78 -0.10 1.11 -3.81
C PHE A 78 1.09 0.76 -4.68
N HIS A 79 1.00 1.09 -5.96
CA HIS A 79 2.11 0.84 -6.86
C HIS A 79 3.35 1.59 -6.39
N HIS A 80 3.21 2.88 -6.15
CA HIS A 80 4.35 3.68 -5.72
C HIS A 80 4.85 3.35 -4.33
N ALA A 81 3.97 2.90 -3.45
CA ALA A 81 4.38 2.46 -2.10
C ALA A 81 5.28 1.23 -2.30
N HIS A 82 4.88 0.35 -3.21
CA HIS A 82 5.67 -0.84 -3.52
C HIS A 82 7.05 -0.47 -4.10
N GLU A 83 7.07 0.51 -4.99
CA GLU A 83 8.33 0.99 -5.61
C GLU A 83 9.26 1.65 -4.59
N GLU A 84 8.70 2.38 -3.63
CA GLU A 84 9.49 3.03 -2.59
C GLU A 84 9.97 2.11 -1.47
N ALA A 85 9.31 0.98 -1.26
CA ALA A 85 9.68 0.11 -0.13
C ALA A 85 11.16 -0.27 -0.13
N GLY A 86 11.81 -0.01 1.02
CA GLY A 86 13.21 -0.31 1.22
C GLY A 86 14.22 0.73 0.70
N HIS A 87 13.74 1.74 -0.01
CA HIS A 87 14.59 2.81 -0.57
CA HIS A 87 14.62 2.78 -0.56
C HIS A 87 15.56 3.37 0.48
N GLU A 88 15.15 3.39 1.75
CA GLU A 88 16.01 3.88 2.83
C GLU A 88 17.30 3.04 2.96
N LEU A 89 17.25 1.78 2.55
CA LEU A 89 18.43 0.91 2.65
C LEU A 89 19.57 1.45 1.79
N MSE A 90 19.25 2.14 0.70
CA MSE A 90 20.26 2.75 -0.18
CA MSE A 90 20.26 2.74 -0.17
C MSE A 90 21.02 3.86 0.56
O MSE A 90 22.20 4.05 0.33
CB MSE A 90 19.63 3.32 -1.45
CB MSE A 90 19.64 3.24 -1.47
CG MSE A 90 18.84 2.31 -2.28
CG MSE A 90 19.04 2.12 -2.36
SE MSE A 90 18.29 3.03 -4.00
SE MSE A 90 20.35 0.82 -3.13
CE MSE A 90 20.00 2.88 -4.97
CE MSE A 90 20.76 -0.41 -1.59
N ALA A 91 20.33 4.59 1.43
CA ALA A 91 20.98 5.66 2.20
C ALA A 91 21.89 5.03 3.26
N LEU A 92 21.40 3.95 3.87
CA LEU A 92 22.15 3.23 4.90
C LEU A 92 23.37 2.54 4.28
N SER A 93 23.26 2.13 3.01
CA SER A 93 24.35 1.53 2.26
C SER A 93 25.43 2.56 1.94
N ASP A 94 25.01 3.78 1.61
CA ASP A 94 25.95 4.88 1.34
C ASP A 94 26.76 5.24 2.60
N ILE A 95 26.10 5.20 3.76
CA ILE A 95 26.76 5.51 5.04
C ILE A 95 27.80 4.45 5.36
N ALA A 96 27.48 3.20 5.05
CA ALA A 96 28.41 2.08 5.25
C ALA A 96 29.60 2.16 4.27
N SER A 97 29.31 2.66 3.07
CA SER A 97 30.33 2.81 2.03
C SER A 97 31.41 3.83 2.35
N ILE A 98 31.14 4.77 3.26
CA ILE A 98 32.16 5.76 3.67
C ILE A 98 32.80 5.42 5.02
N GLY A 99 32.70 4.14 5.41
CA GLY A 99 33.36 3.62 6.61
C GLY A 99 32.66 3.72 7.96
N PHE A 100 31.36 4.01 7.97
CA PHE A 100 30.60 4.10 9.23
C PHE A 100 29.71 2.88 9.48
N ASP A 101 29.34 2.71 10.73
CA ASP A 101 28.58 1.57 11.22
C ASP A 101 27.07 1.71 10.96
N ARG A 102 26.50 0.75 10.23
CA ARG A 102 25.07 0.77 9.94
CA ARG A 102 25.07 0.74 9.94
C ARG A 102 24.29 0.80 11.25
N GLU A 103 24.79 0.07 12.26
CA GLU A 103 24.12 -0.02 13.56
C GLU A 103 23.97 1.28 14.31
N ASP A 104 24.92 2.20 14.17
CA ASP A 104 24.81 3.50 14.82
C ASP A 104 23.62 4.29 14.24
N VAL A 105 23.31 4.02 12.97
CA VAL A 105 22.20 4.68 12.28
C VAL A 105 20.86 4.06 12.69
N LEU A 106 20.81 2.73 12.72
CA LEU A 106 19.58 2.01 13.07
C LEU A 106 19.13 2.30 14.51
N SER A 107 20.08 2.51 15.41
CA SER A 107 19.75 2.78 16.83
C SER A 107 19.58 4.27 17.15
N SER A 108 19.74 5.14 16.15
CA SER A 108 19.62 6.58 16.37
C SER A 108 18.17 7.05 16.26
N LYS A 109 17.85 8.12 16.97
CA LYS A 109 16.54 8.74 16.90
C LYS A 109 16.69 9.90 15.92
N PRO A 110 15.63 10.16 15.12
CA PRO A 110 15.71 11.27 14.17
C PRO A 110 15.88 12.62 14.87
N LEU A 111 16.43 13.58 14.15
CA LEU A 111 16.53 14.93 14.69
C LEU A 111 15.10 15.54 14.71
N PRO A 112 14.87 16.56 15.56
CA PRO A 112 13.50 17.12 15.66
C PRO A 112 12.89 17.60 14.34
N ALA A 113 13.69 18.22 13.47
CA ALA A 113 13.17 18.68 12.19
C ALA A 113 12.71 17.51 11.32
N THR A 114 13.40 16.38 11.42
CA THR A 114 13.10 15.19 10.62
C THR A 114 11.83 14.52 11.16
N GLU A 115 11.76 14.40 12.49
CA GLU A 115 10.56 13.88 13.14
C GLU A 115 9.34 14.74 12.74
N THR A 116 9.54 16.06 12.65
CA THR A 116 8.50 17.01 12.27
C THR A 116 8.05 16.79 10.82
N LEU A 117 8.98 16.52 9.90
CA LEU A 117 8.62 16.23 8.51
C LEU A 117 7.79 14.93 8.43
N ILE A 118 8.27 13.89 9.12
CA ILE A 118 7.63 12.58 9.16
C ILE A 118 6.17 12.74 9.60
N ALA A 119 5.94 13.45 10.72
CA ALA A 119 4.60 13.69 11.24
C ALA A 119 3.70 14.38 10.19
N TYR A 120 4.23 15.41 9.55
CA TYR A 120 3.51 16.19 8.56
C TYR A 120 3.03 15.34 7.39
N LEU A 121 3.93 14.56 6.84
CA LEU A 121 3.65 13.67 5.71
C LEU A 121 2.58 12.60 6.02
N TYR A 122 2.62 11.98 7.20
CA TYR A 122 1.55 11.03 7.59
C TYR A 122 0.22 11.76 7.74
N TRP A 123 0.26 12.94 8.34
CA TRP A 123 -0.95 13.74 8.53
C TRP A 123 -1.64 14.09 7.22
N ILE A 124 -0.87 14.59 6.25
CA ILE A 124 -1.46 15.01 4.99
C ILE A 124 -1.83 13.80 4.11
N SER A 125 -1.33 12.63 4.49
CA SER A 125 -1.64 11.39 3.81
C SER A 125 -2.89 10.71 4.40
N ALA A 126 -3.11 10.91 5.69
CA ALA A 126 -4.24 10.31 6.40
C ALA A 126 -5.47 11.20 6.44
N THR A 127 -5.32 12.49 6.18
CA THR A 127 -6.45 13.42 6.31
C THR A 127 -6.50 14.39 5.15
N GLY A 128 -7.58 15.19 5.10
CA GLY A 128 -7.75 16.22 4.09
C GLY A 128 -8.06 15.72 2.70
N ASN A 129 -7.79 16.59 1.70
CA ASN A 129 -7.99 16.26 0.31
C ASN A 129 -6.96 15.21 -0.08
N PRO A 130 -7.40 13.98 -0.42
CA PRO A 130 -6.47 12.86 -0.72
C PRO A 130 -5.45 13.09 -1.83
N VAL A 131 -5.73 14.05 -2.67
CA VAL A 131 -4.85 14.44 -3.77
C VAL A 131 -3.55 15.11 -3.30
N GLN A 132 -3.60 15.74 -2.14
CA GLN A 132 -2.54 16.63 -1.67
C GLN A 132 -1.12 16.10 -1.54
N ARG A 133 -0.93 14.81 -1.24
CA ARG A 133 0.41 14.26 -1.10
C ARG A 133 1.18 14.32 -2.45
N LEU A 134 0.47 14.36 -3.57
CA LEU A 134 1.08 14.50 -4.88
C LEU A 134 1.98 15.76 -4.97
N GLY A 135 1.68 16.76 -4.14
CA GLY A 135 2.49 17.99 -4.07
C GLY A 135 3.90 17.74 -3.57
N TYR A 136 4.02 16.85 -2.60
CA TYR A 136 5.32 16.43 -2.07
C TYR A 136 6.10 15.76 -3.19
N SER A 137 5.44 14.79 -3.83
CA SER A 137 6.00 14.03 -4.94
C SER A 137 6.42 14.93 -6.09
N TYR A 138 5.67 16.00 -6.31
CA TYR A 138 6.00 16.90 -7.42
C TYR A 138 7.42 17.45 -7.35
N TRP A 139 7.82 18.03 -6.21
CA TRP A 139 9.19 18.55 -6.09
C TRP A 139 10.16 17.41 -5.77
N ALA A 140 9.70 16.44 -4.99
CA ALA A 140 10.56 15.32 -4.64
C ALA A 140 11.10 14.63 -5.90
N GLU A 141 10.29 14.56 -6.98
CA GLU A 141 10.70 13.87 -8.23
C GLU A 141 11.41 14.72 -9.29
N ASN A 142 11.14 16.02 -9.31
CA ASN A 142 11.85 16.92 -10.23
C ASN A 142 12.89 17.73 -9.44
N VAL A 143 13.59 17.05 -8.53
CA VAL A 143 14.54 17.69 -7.61
C VAL A 143 15.97 17.72 -8.10
N TYR A 144 16.36 16.66 -8.82
CA TYR A 144 17.74 16.50 -9.31
C TYR A 144 18.23 17.72 -10.13
N GLY A 145 17.31 18.41 -10.80
CA GLY A 145 17.66 19.59 -11.58
C GLY A 145 18.10 20.83 -10.82
N TYR A 146 17.87 20.87 -9.50
CA TYR A 146 18.28 22.02 -8.67
C TYR A 146 19.46 21.69 -7.75
N ILE A 147 19.48 20.48 -7.20
CA ILE A 147 20.52 20.07 -6.26
C ILE A 147 21.75 19.39 -6.88
N ASP A 148 21.75 19.24 -8.21
CA ASP A 148 22.85 18.58 -8.94
C ASP A 148 24.25 19.18 -8.62
N PRO A 149 24.36 20.53 -8.56
CA PRO A 149 25.69 21.09 -8.25
C PRO A 149 26.18 20.74 -6.83
N VAL A 150 25.26 20.65 -5.87
CA VAL A 150 25.62 20.29 -4.49
C VAL A 150 26.11 18.84 -4.43
N LEU A 151 25.42 17.96 -5.15
CA LEU A 151 25.79 16.54 -5.21
C LEU A 151 27.14 16.36 -5.92
N LYS A 152 27.38 17.11 -6.99
CA LYS A 152 28.66 17.07 -7.71
C LYS A 152 29.84 17.58 -6.86
N ALA A 153 29.58 18.57 -6.00
CA ALA A 153 30.62 19.10 -5.11
C ALA A 153 30.96 18.11 -3.99
N ILE A 154 29.96 17.36 -3.51
CA ILE A 154 30.20 16.38 -2.44
C ILE A 154 31.04 15.24 -3.01
N GLN A 155 30.69 14.84 -4.22
CA GLN A 155 31.38 13.77 -4.94
C GLN A 155 32.85 14.12 -5.17
N SER A 156 33.16 15.39 -5.39
CA SER A 156 34.52 15.83 -5.64
C SER A 156 35.35 15.91 -4.34
N THR A 157 34.80 16.60 -3.33
CA THR A 157 35.51 16.77 -2.05
C THR A 157 35.86 15.45 -1.37
N LEU A 158 34.86 14.59 -1.22
CA LEU A 158 35.05 13.28 -0.58
C LEU A 158 35.48 12.20 -1.56
N ASP A 159 35.80 12.59 -2.81
CA ASP A 159 36.20 11.68 -3.89
C ASP A 159 35.40 10.38 -3.85
N LEU A 160 34.08 10.52 -3.98
CA LEU A 160 33.15 9.39 -3.92
C LEU A 160 32.89 8.78 -5.29
N THR A 161 32.60 7.48 -5.28
CA THR A 161 32.28 6.73 -6.49
C THR A 161 30.77 6.54 -6.46
N PRO A 162 30.16 6.07 -7.56
CA PRO A 162 28.71 5.81 -7.53
C PRO A 162 28.26 4.85 -6.40
N GLN A 163 29.20 4.07 -5.87
CA GLN A 163 28.93 3.13 -4.78
C GLN A 163 28.54 3.84 -3.48
N SER A 164 29.15 4.99 -3.18
CA SER A 164 28.82 5.72 -1.94
C SER A 164 27.75 6.77 -2.18
N MSE A 165 27.04 6.65 -3.29
CA MSE A 165 26.04 7.64 -3.67
C MSE A 165 24.83 7.01 -4.35
O MSE A 165 24.22 7.64 -5.22
CB MSE A 165 26.75 8.56 -4.64
CG MSE A 165 26.17 9.93 -4.76
SE MSE A 165 27.75 10.86 -5.46
CE MSE A 165 28.75 10.93 -3.77
N LYS A 166 24.49 5.79 -3.93
CA LYS A 166 23.38 5.04 -4.52
C LYS A 166 22.02 5.69 -4.31
N PHE A 167 21.82 6.37 -3.17
CA PHE A 167 20.54 7.03 -2.92
C PHE A 167 20.25 8.10 -3.96
N PHE A 168 21.25 8.89 -4.35
CA PHE A 168 21.02 9.95 -5.33
C PHE A 168 21.27 9.51 -6.78
N ILE A 169 21.64 8.24 -6.99
CA ILE A 169 21.88 7.65 -8.33
C ILE A 169 20.62 6.91 -8.81
N ALA A 170 19.85 6.39 -7.87
CA ALA A 170 18.53 5.78 -8.14
C ALA A 170 17.59 6.91 -8.59
N HIS A 171 17.50 7.95 -7.75
CA HIS A 171 16.71 9.17 -8.04
C HIS A 171 16.77 9.73 -9.47
N SER A 172 17.98 9.93 -10.01
CA SER A 172 18.11 10.57 -11.31
C SER A 172 17.96 9.67 -12.54
N LYS A 173 17.53 8.42 -12.34
CA LYS A 173 17.37 7.47 -13.45
C LYS A 173 15.90 7.05 -13.58
N ILE A 174 15.41 6.37 -12.55
CA ILE A 174 14.01 5.90 -12.53
C ILE A 174 13.08 6.91 -11.81
N ASP A 175 13.55 8.17 -11.68
CA ASP A 175 12.73 9.28 -11.15
C ASP A 175 12.43 10.31 -12.27
N ALA A 176 12.91 10.02 -13.49
CA ALA A 176 12.56 10.80 -14.67
C ALA A 176 11.27 10.19 -15.22
N LYS A 177 11.00 8.94 -14.80
CA LYS A 177 9.80 8.19 -15.13
C LYS A 177 8.78 8.52 -14.06
N HIS A 178 9.18 8.39 -12.79
CA HIS A 178 8.32 8.72 -11.66
C HIS A 178 7.83 10.18 -11.72
N ALA A 179 8.70 11.08 -12.16
CA ALA A 179 8.32 12.48 -12.35
C ALA A 179 7.20 12.59 -13.38
N GLU A 180 7.33 11.87 -14.49
CA GLU A 180 6.30 11.87 -15.53
C GLU A 180 4.99 11.28 -15.01
N GLU A 181 5.11 10.22 -14.20
CA GLU A 181 3.96 9.53 -13.63
C GLU A 181 3.19 10.44 -12.65
N VAL A 182 3.93 11.21 -11.84
CA VAL A 182 3.31 12.14 -10.90
C VAL A 182 2.55 13.25 -11.64
N ASN A 183 3.19 13.82 -12.66
CA ASN A 183 2.58 14.87 -13.46
C ASN A 183 1.30 14.39 -14.16
N GLU A 184 1.33 13.19 -14.76
CA GLU A 184 0.14 12.62 -15.37
C GLU A 184 -0.96 12.42 -14.32
N MSE A 185 -0.60 11.91 -13.14
CA MSE A 185 -1.57 11.67 -12.06
C MSE A 185 -2.18 12.99 -11.56
O MSE A 185 -3.38 13.05 -11.30
CB MSE A 185 -0.92 10.88 -10.90
CG MSE A 185 -1.89 10.30 -9.87
SE MSE A 185 -3.31 9.17 -10.63
CE MSE A 185 -2.25 8.12 -11.82
N LEU A 186 -1.34 14.02 -11.42
CA LEU A 186 -1.82 15.36 -11.04
C LEU A 186 -2.90 15.88 -12.00
N HIS A 187 -2.66 15.76 -13.32
CA HIS A 187 -3.64 16.18 -14.32
C HIS A 187 -4.94 15.36 -14.24
N GLU A 188 -4.81 14.09 -13.87
CA GLU A 188 -5.96 13.17 -13.75
C GLU A 188 -6.84 13.42 -12.53
N VAL A 189 -6.22 13.64 -11.37
CA VAL A 189 -6.99 13.78 -10.11
C VAL A 189 -7.40 15.21 -9.74
N CYS A 190 -6.77 16.24 -10.31
CA CYS A 190 -7.14 17.63 -9.99
C CYS A 190 -8.34 18.09 -10.86
N LYS A 191 -9.51 18.15 -10.23
CA LYS A 191 -10.75 18.54 -10.89
C LYS A 191 -11.19 19.98 -10.58
N THR A 192 -10.89 20.44 -9.37
CA THR A 192 -11.27 21.79 -8.93
C THR A 192 -10.03 22.55 -8.50
N GLN A 193 -10.19 23.85 -8.29
CA GLN A 193 -9.06 24.69 -7.87
C GLN A 193 -8.68 24.34 -6.41
N GLU A 194 -9.66 23.89 -5.63
CA GLU A 194 -9.39 23.47 -4.25
C GLU A 194 -8.45 22.25 -4.22
N ASP A 195 -8.57 21.37 -5.23
CA ASP A 195 -7.67 20.22 -5.36
C ASP A 195 -6.24 20.73 -5.61
N VAL A 196 -6.12 21.67 -6.54
CA VAL A 196 -4.82 22.27 -6.88
C VAL A 196 -4.19 22.98 -5.68
N ASP A 197 -5.01 23.74 -4.96
CA ASP A 197 -4.56 24.49 -3.80
C ASP A 197 -4.00 23.59 -2.72
N SER A 198 -4.62 22.42 -2.52
CA SER A 198 -4.13 21.47 -1.51
C SER A 198 -2.76 20.86 -1.91
N VAL A 199 -2.61 20.61 -3.22
CA VAL A 199 -1.35 20.13 -3.78
C VAL A 199 -0.24 21.18 -3.55
N VAL A 200 -0.56 22.45 -3.83
CA VAL A 200 0.39 23.54 -3.68
C VAL A 200 0.78 23.75 -2.20
N ALA A 201 -0.20 23.64 -1.31
CA ALA A 201 0.03 23.80 0.12
C ALA A 201 0.98 22.73 0.65
N VAL A 202 0.81 21.49 0.23
CA VAL A 202 1.67 20.39 0.67
C VAL A 202 3.05 20.45 0.03
N MSE A 203 3.11 20.85 -1.24
CA MSE A 203 4.37 20.99 -1.95
C MSE A 203 5.26 21.96 -1.19
O MSE A 203 6.44 21.71 -0.94
CB MSE A 203 4.08 21.55 -3.36
CG MSE A 203 5.29 21.71 -4.28
SE MSE A 203 4.75 22.58 -5.94
CE MSE A 203 4.44 24.38 -5.26
N GLU A 204 4.67 23.10 -0.85
CA GLU A 204 5.36 24.19 -0.18
C GLU A 204 5.82 23.81 1.22
N ASN A 205 4.91 23.26 2.02
CA ASN A 205 5.26 22.99 3.41
C ASN A 205 6.18 21.82 3.53
N SER A 206 5.98 20.77 2.74
CA SER A 206 6.90 19.63 2.79
C SER A 206 8.34 20.07 2.45
N LEU A 207 8.49 21.02 1.53
CA LEU A 207 9.82 21.51 1.13
C LEU A 207 10.38 22.45 2.21
N VAL A 208 9.53 23.31 2.78
CA VAL A 208 9.93 24.15 3.92
C VAL A 208 10.45 23.26 5.08
N LEU A 209 9.71 22.19 5.36
CA LEU A 209 10.09 21.29 6.45
C LEU A 209 11.35 20.48 6.16
N THR A 210 11.54 20.10 4.88
CA THR A 210 12.74 19.40 4.47
C THR A 210 13.95 20.34 4.61
N ALA A 211 13.78 21.62 4.31
CA ALA A 211 14.87 22.60 4.46
C ALA A 211 15.29 22.75 5.92
N ARG A 212 14.35 22.66 6.86
CA ARG A 212 14.68 22.74 8.29
C ARG A 212 15.58 21.59 8.73
N ILE A 213 15.54 20.47 8.01
CA ILE A 213 16.42 19.33 8.31
C ILE A 213 17.88 19.73 8.11
N LEU A 214 18.16 20.47 7.04
CA LEU A 214 19.50 21.00 6.75
C LEU A 214 20.03 21.87 7.90
N ASP A 215 19.13 22.65 8.51
CA ASP A 215 19.45 23.50 9.66
C ASP A 215 19.79 22.67 10.91
N ASP A 216 19.02 21.64 11.17
CA ASP A 216 19.34 20.72 12.28
C ASP A 216 20.63 19.98 12.04
N VAL A 217 20.81 19.52 10.80
CA VAL A 217 22.06 18.82 10.43
C VAL A 217 23.28 19.71 10.68
N TRP A 218 23.18 20.98 10.26
CA TRP A 218 24.28 21.93 10.43
C TRP A 218 24.58 22.22 11.91
N LYS A 219 23.55 22.53 12.69
CA LYS A 219 23.69 22.79 14.13
C LYS A 219 24.42 21.62 14.85
N GLU A 220 23.97 20.39 14.61
CA GLU A 220 24.57 19.21 15.22
C GLU A 220 25.99 18.96 14.73
N TYR A 221 26.27 19.36 13.48
CA TYR A 221 27.62 19.24 12.90
C TYR A 221 28.61 20.19 13.58
N GLN A 222 28.15 21.40 13.94
CA GLN A 222 29.00 22.38 14.62
C GLN A 222 29.26 21.97 16.06
N LEU A 223 28.18 21.60 16.76
CA LEU A 223 28.28 21.06 18.12
C LEU A 223 29.15 19.79 18.17
N PHE A 224 29.19 19.06 17.05
CA PHE A 224 29.98 17.83 16.89
C PHE A 224 31.46 18.02 17.32
N GLN A 225 32.03 19.20 17.12
CA GLN A 225 33.38 19.47 17.61
C GLN A 225 33.33 20.12 19.01
N SER A 226 33.25 19.26 20.04
CA SER A 226 33.21 19.63 21.48
C SER A 226 31.80 19.53 22.11
N GLY A 227 30.90 20.42 21.71
CA GLY A 227 29.56 20.57 22.28
C GLY A 227 28.82 19.38 22.87
N ALA A 228 28.59 18.35 22.05
CA ALA A 228 27.78 17.21 22.50
C ALA A 228 28.47 15.89 22.24
N SER A 229 28.12 14.90 23.07
CA SER A 229 28.57 13.52 22.91
C SER A 229 27.66 12.77 21.92
N ASP A 230 26.84 13.50 21.15
CA ASP A 230 25.88 12.88 20.21
C ASP A 230 26.52 11.97 19.14
N ARG A 231 27.80 12.18 18.78
CA ARG A 231 28.43 11.37 17.69
C ARG A 231 29.84 10.73 17.87
N TYR A 232 30.28 9.98 16.84
CA TYR A 232 31.46 9.08 16.85
C TYR A 232 32.29 9.21 15.55
N ALA A 233 33.44 9.89 15.62
CA ALA A 233 34.27 10.21 14.45
C ALA A 233 35.38 9.19 14.09
N PHE A 234 35.05 8.25 13.19
CA PHE A 234 36.00 7.25 12.70
C PHE A 234 35.67 6.83 11.26
N SER B 3 11.75 -24.97 7.02
CA SER B 3 10.53 -24.17 7.38
C SER B 3 9.78 -24.77 8.57
N ILE B 4 9.26 -23.90 9.45
CA ILE B 4 8.53 -24.33 10.65
C ILE B 4 7.02 -24.56 10.38
N ILE B 5 6.47 -23.99 9.30
CA ILE B 5 5.05 -24.20 9.00
C ILE B 5 4.87 -25.43 8.11
N ASP B 6 3.84 -26.22 8.43
CA ASP B 6 3.48 -27.44 7.71
C ASP B 6 2.19 -27.11 6.99
N LEU B 7 2.30 -26.81 5.69
CA LEU B 7 1.12 -26.42 4.91
C LEU B 7 0.14 -27.55 4.65
N THR B 8 0.58 -28.80 4.79
CA THR B 8 -0.35 -29.92 4.61
C THR B 8 -1.34 -29.90 5.79
N LYS B 9 -0.87 -29.49 6.97
CA LYS B 9 -1.73 -29.37 8.14
C LYS B 9 -2.78 -28.28 7.95
N LEU B 10 -2.37 -27.14 7.38
CA LEU B 10 -3.31 -26.05 7.05
C LEU B 10 -4.31 -26.50 6.01
N GLU B 11 -3.81 -27.12 4.94
CA GLU B 11 -4.68 -27.66 3.88
C GLU B 11 -5.72 -28.62 4.44
N GLN B 12 -5.34 -29.44 5.42
CA GLN B 12 -6.26 -30.39 6.04
C GLN B 12 -7.36 -29.66 6.82
N LYS B 13 -7.02 -28.59 7.55
CA LYS B 13 -8.05 -27.87 8.31
CA LYS B 13 -8.03 -27.82 8.30
C LYS B 13 -9.01 -27.18 7.34
N VAL B 14 -8.48 -26.58 6.29
CA VAL B 14 -9.32 -25.92 5.27
C VAL B 14 -10.30 -26.90 4.60
N ALA B 15 -9.80 -28.07 4.26
CA ALA B 15 -10.62 -29.13 3.64
C ALA B 15 -11.77 -29.54 4.55
N THR B 16 -11.49 -29.63 5.85
CA THR B 16 -12.50 -29.99 6.84
C THR B 16 -13.58 -28.91 6.95
N MSE B 17 -13.15 -27.66 6.95
CA MSE B 17 -14.07 -26.53 7.06
C MSE B 17 -14.99 -26.39 5.83
O MSE B 17 -16.18 -26.15 5.99
CB MSE B 17 -13.28 -25.26 7.31
CG MSE B 17 -12.64 -25.22 8.68
SE MSE B 17 -11.80 -23.52 9.01
CE MSE B 17 -13.32 -22.40 9.02
N TRP B 18 -14.43 -26.51 4.62
CA TRP B 18 -15.26 -26.46 3.41
C TRP B 18 -16.31 -27.56 3.39
N ASP B 19 -15.89 -28.76 3.76
CA ASP B 19 -16.79 -29.89 3.81
C ASP B 19 -18.04 -29.56 4.66
N SER B 20 -17.82 -28.89 5.78
CA SER B 20 -18.90 -28.49 6.67
C SER B 20 -19.77 -27.41 6.05
N ILE B 21 -19.13 -26.38 5.50
CA ILE B 21 -19.84 -25.27 4.86
C ILE B 21 -20.71 -25.73 3.70
N LEU B 22 -20.17 -26.62 2.88
CA LEU B 22 -20.88 -27.10 1.70
C LEU B 22 -22.00 -28.09 2.07
N THR B 23 -21.79 -28.86 3.14
CA THR B 23 -22.81 -29.82 3.57
C THR B 23 -23.96 -29.16 4.34
N ASN B 24 -23.71 -28.03 4.97
CA ASN B 24 -24.72 -27.38 5.80
C ASN B 24 -25.35 -26.09 5.24
N SER B 25 -24.75 -25.46 4.23
CA SER B 25 -25.33 -24.23 3.67
C SER B 25 -26.54 -24.49 2.78
N PRO B 26 -27.73 -23.94 3.15
CA PRO B 26 -28.89 -24.09 2.26
C PRO B 26 -28.65 -23.40 0.92
N PHE B 27 -27.87 -22.33 0.94
CA PHE B 27 -27.49 -21.57 -0.26
C PHE B 27 -26.79 -22.51 -1.26
N ILE B 28 -25.78 -23.23 -0.76
CA ILE B 28 -25.01 -24.15 -1.58
C ILE B 28 -25.86 -25.30 -2.14
N HIS B 29 -26.77 -25.83 -1.32
CA HIS B 29 -27.62 -26.93 -1.78
C HIS B 29 -28.57 -26.44 -2.86
N GLU B 30 -29.12 -25.24 -2.68
CA GLU B 30 -30.03 -24.64 -3.66
C GLU B 30 -29.35 -24.57 -5.03
N VAL B 31 -28.10 -24.13 -5.04
CA VAL B 31 -27.32 -24.02 -6.26
C VAL B 31 -27.07 -25.41 -6.85
N LEU B 32 -26.58 -26.34 -6.02
CA LEU B 32 -26.32 -27.72 -6.43
C LEU B 32 -27.58 -28.49 -6.85
N ASP B 33 -28.73 -28.10 -6.30
N ASP B 33 -28.74 -28.17 -6.26
CA ASP B 33 -30.02 -28.69 -6.67
CA ASP B 33 -30.00 -28.84 -6.59
C ASP B 33 -30.47 -28.20 -8.06
C ASP B 33 -31.10 -27.86 -7.01
N GLY B 34 -29.74 -27.25 -8.64
N GLY B 34 -32.23 -27.90 -6.29
CA GLY B 34 -30.08 -26.71 -9.96
CA GLY B 34 -33.33 -27.01 -6.60
C GLY B 34 -31.11 -25.61 -9.85
C GLY B 34 -32.84 -26.21 -7.79
N LYS B 35 -31.26 -25.05 -8.66
N LYS B 35 -32.62 -24.92 -7.61
CA LYS B 35 -32.27 -24.01 -8.44
CA LYS B 35 -32.09 -24.13 -8.71
C LYS B 35 -31.72 -22.59 -8.25
C LYS B 35 -31.74 -22.67 -8.36
N ALA B 36 -30.58 -22.25 -8.84
CA ALA B 36 -30.09 -20.89 -8.70
C ALA B 36 -30.88 -19.99 -9.64
N THR B 37 -31.02 -18.72 -9.27
CA THR B 37 -31.70 -17.72 -10.09
C THR B 37 -30.80 -16.50 -10.24
N LYS B 38 -31.15 -15.59 -11.14
CA LYS B 38 -30.38 -14.38 -11.37
C LYS B 38 -30.31 -13.54 -10.09
N ALA B 39 -31.45 -13.40 -9.42
CA ALA B 39 -31.58 -12.67 -8.17
C ALA B 39 -30.65 -13.23 -7.09
N LEU B 40 -30.61 -14.55 -6.95
CA LEU B 40 -29.74 -15.19 -5.97
C LEU B 40 -28.25 -14.90 -6.23
N TYR B 41 -27.83 -15.01 -7.49
CA TYR B 41 -26.44 -14.77 -7.88
C TYR B 41 -26.11 -13.29 -7.64
N ALA B 42 -27.02 -12.38 -7.95
CA ALA B 42 -26.80 -10.96 -7.77
C ALA B 42 -26.70 -10.58 -6.28
N ILE B 43 -27.59 -11.10 -5.43
CA ILE B 43 -27.51 -10.83 -3.97
C ILE B 43 -26.13 -11.26 -3.43
N TYR B 44 -25.72 -12.46 -3.83
CA TYR B 44 -24.44 -12.99 -3.46
C TYR B 44 -23.24 -12.19 -4.02
N MSE B 45 -23.28 -11.80 -5.30
CA MSE B 45 -22.18 -11.05 -5.91
C MSE B 45 -22.09 -9.65 -5.36
O MSE B 45 -21.02 -9.06 -5.35
CB MSE B 45 -22.29 -11.00 -7.46
CG MSE B 45 -22.05 -12.32 -8.18
SE MSE B 45 -20.42 -13.25 -7.66
CE MSE B 45 -19.10 -11.87 -8.04
N THR B 46 -23.22 -9.09 -4.94
CA THR B 46 -23.25 -7.78 -4.30
C THR B 46 -22.47 -7.78 -2.97
N GLU B 47 -22.62 -8.83 -2.17
CA GLU B 47 -21.89 -8.92 -0.89
C GLU B 47 -20.40 -9.18 -1.13
N THR B 48 -20.08 -9.96 -2.16
CA THR B 48 -18.69 -10.23 -2.55
C THR B 48 -18.05 -8.88 -2.92
N TYR B 49 -18.80 -8.06 -3.64
CA TYR B 49 -18.37 -6.73 -4.03
C TYR B 49 -18.03 -5.89 -2.79
N HIS B 50 -18.93 -5.90 -1.81
CA HIS B 50 -18.73 -5.11 -0.57
C HIS B 50 -17.45 -5.48 0.21
N TYR B 51 -17.15 -6.76 0.44
CA TYR B 51 -15.91 -7.07 1.16
C TYR B 51 -14.64 -7.04 0.30
N THR B 52 -14.73 -7.41 -0.99
CA THR B 52 -13.60 -7.39 -1.90
C THR B 52 -13.06 -5.95 -2.08
N LYS B 53 -13.98 -5.00 -2.07
CA LYS B 53 -13.68 -3.56 -2.16
C LYS B 53 -12.60 -3.13 -1.13
N HIS B 54 -12.53 -3.83 0.00
CA HIS B 54 -11.59 -3.46 1.06
C HIS B 54 -10.30 -4.24 1.15
N ASN B 55 -10.15 -5.31 0.36
CA ASN B 55 -8.99 -6.22 0.46
C ASN B 55 -7.64 -5.60 0.18
N ALA B 56 -7.56 -4.79 -0.87
CA ALA B 56 -6.31 -4.09 -1.21
C ALA B 56 -5.92 -3.17 -0.06
N LYS B 57 -6.92 -2.50 0.52
CA LYS B 57 -6.70 -1.56 1.59
C LYS B 57 -6.23 -2.25 2.89
N ASN B 58 -6.91 -3.29 3.33
CA ASN B 58 -6.43 -3.96 4.54
C ASN B 58 -5.10 -4.72 4.34
N GLN B 59 -4.80 -5.15 3.12
CA GLN B 59 -3.49 -5.76 2.83
C GLN B 59 -2.37 -4.69 2.94
N ALA B 60 -2.62 -3.52 2.36
CA ALA B 60 -1.65 -2.43 2.45
C ALA B 60 -1.42 -2.04 3.92
N LEU B 61 -2.48 -2.11 4.73
CA LEU B 61 -2.46 -1.75 6.12
C LEU B 61 -1.47 -2.57 6.97
N VAL B 62 -1.28 -3.86 6.65
CA VAL B 62 -0.30 -4.69 7.35
C VAL B 62 1.09 -4.06 7.22
N GLY B 63 1.39 -3.54 6.04
CA GLY B 63 2.69 -2.94 5.74
C GLY B 63 2.95 -1.63 6.46
N ILE B 64 1.87 -0.92 6.75
CA ILE B 64 1.93 0.34 7.45
C ILE B 64 2.01 0.18 8.96
N MSE B 65 1.22 -0.76 9.50
CA MSE B 65 1.15 -0.97 10.95
C MSE B 65 2.14 -2.00 11.51
O MSE B 65 2.45 -1.97 12.68
CB MSE B 65 -0.26 -1.42 11.36
CG MSE B 65 -1.37 -0.46 10.99
SE MSE B 65 -1.20 1.21 11.85
CE MSE B 65 -1.45 0.67 13.71
N GLY B 66 2.59 -2.94 10.66
CA GLY B 66 3.52 -3.98 11.11
C GLY B 66 4.82 -3.34 11.48
N LYS B 67 5.42 -3.83 12.58
CA LYS B 67 6.71 -3.30 13.09
C LYS B 67 7.82 -4.25 12.69
N ASP B 68 8.89 -3.67 12.13
CA ASP B 68 10.09 -4.43 11.76
C ASP B 68 9.76 -5.70 10.98
N LEU B 69 9.11 -5.52 9.84
CA LEU B 69 8.74 -6.64 9.01
C LEU B 69 9.94 -7.00 8.15
N PRO B 70 10.13 -8.29 7.87
CA PRO B 70 11.16 -8.62 6.91
C PRO B 70 10.96 -7.82 5.63
N GLY B 71 12.05 -7.45 4.98
CA GLY B 71 11.98 -6.67 3.76
C GLY B 71 11.07 -7.23 2.69
N LYS B 72 11.13 -8.55 2.49
CA LYS B 72 10.32 -9.21 1.48
C LYS B 72 8.83 -9.13 1.80
N TYR B 73 8.50 -9.14 3.09
CA TYR B 73 7.10 -9.09 3.51
C TYR B 73 6.49 -7.70 3.37
N LEU B 74 7.25 -6.66 3.63
CA LEU B 74 6.75 -5.29 3.42
C LEU B 74 6.48 -5.10 1.93
N SER B 75 7.41 -5.54 1.08
CA SER B 75 7.23 -5.46 -0.38
C SER B 75 5.99 -6.24 -0.79
N PHE B 76 5.87 -7.44 -0.26
CA PHE B 76 4.73 -8.30 -0.52
C PHE B 76 3.38 -7.60 -0.24
N CYS B 77 3.27 -6.98 0.93
CA CYS B 77 2.03 -6.29 1.31
C CYS B 77 1.60 -5.21 0.30
N PHE B 78 2.55 -4.38 -0.15
CA PHE B 78 2.22 -3.30 -1.07
C PHE B 78 2.05 -3.81 -2.49
N HIS B 79 2.81 -4.83 -2.87
CA HIS B 79 2.66 -5.43 -4.18
C HIS B 79 1.28 -6.04 -4.34
N HIS B 80 0.91 -6.89 -3.38
CA HIS B 80 -0.39 -7.53 -3.37
C HIS B 80 -1.59 -6.58 -3.24
N ALA B 81 -1.39 -5.47 -2.55
CA ALA B 81 -2.44 -4.45 -2.43
C ALA B 81 -2.64 -3.86 -3.82
N HIS B 82 -1.53 -3.60 -4.49
CA HIS B 82 -1.58 -3.10 -5.85
C HIS B 82 -2.27 -4.10 -6.80
N GLU B 83 -1.96 -5.38 -6.65
CA GLU B 83 -2.55 -6.44 -7.49
C GLU B 83 -4.06 -6.57 -7.26
N GLU B 84 -4.49 -6.38 -6.02
CA GLU B 84 -5.91 -6.47 -5.66
C GLU B 84 -6.74 -5.24 -5.95
N ALA B 85 -6.11 -4.07 -6.07
CA ALA B 85 -6.83 -2.84 -6.30
C ALA B 85 -7.74 -2.94 -7.52
N GLY B 86 -9.02 -2.63 -7.32
CA GLY B 86 -10.00 -2.64 -8.40
C GLY B 86 -10.68 -3.99 -8.65
N HIS B 87 -10.28 -5.03 -7.92
CA HIS B 87 -10.83 -6.35 -8.17
C HIS B 87 -12.34 -6.44 -7.97
N GLU B 88 -12.89 -5.62 -7.07
CA GLU B 88 -14.33 -5.57 -6.84
C GLU B 88 -15.13 -5.18 -8.10
N LEU B 89 -14.48 -4.42 -9.00
CA LEU B 89 -15.13 -4.03 -10.26
C LEU B 89 -15.54 -5.25 -11.11
N MSE B 90 -14.81 -6.35 -10.99
N MSE B 90 -14.82 -6.35 -10.97
CA MSE B 90 -15.14 -7.58 -11.71
CA MSE B 90 -15.15 -7.56 -11.70
C MSE B 90 -16.47 -8.18 -11.23
C MSE B 90 -16.47 -8.18 -11.23
O MSE B 90 -17.21 -8.77 -12.02
O MSE B 90 -17.20 -8.78 -12.01
CB MSE B 90 -14.04 -8.63 -11.57
CB MSE B 90 -14.03 -8.58 -11.56
CG MSE B 90 -12.80 -8.37 -12.43
CG MSE B 90 -12.74 -8.18 -12.23
SE MSE B 90 -11.37 -9.65 -12.02
SE MSE B 90 -12.91 -8.04 -14.15
CE MSE B 90 -10.22 -9.34 -13.60
CE MSE B 90 -13.41 -6.09 -14.42
N ALA B 91 -16.76 -8.03 -9.94
CA ALA B 91 -18.02 -8.51 -9.37
C ALA B 91 -19.16 -7.60 -9.84
N LEU B 92 -18.90 -6.30 -9.85
CA LEU B 92 -19.85 -5.29 -10.31
C LEU B 92 -20.20 -5.55 -11.77
N SER B 93 -19.17 -5.87 -12.56
CA SER B 93 -19.30 -6.18 -13.96
C SER B 93 -20.14 -7.43 -14.20
N ASP B 94 -19.97 -8.45 -13.36
CA ASP B 94 -20.76 -9.69 -13.51
C ASP B 94 -22.24 -9.39 -13.22
N ILE B 95 -22.51 -8.50 -12.26
CA ILE B 95 -23.89 -8.15 -11.90
C ILE B 95 -24.55 -7.43 -13.09
N ALA B 96 -23.78 -6.54 -13.73
CA ALA B 96 -24.25 -5.81 -14.91
C ALA B 96 -24.53 -6.76 -16.07
N SER B 97 -23.71 -7.81 -16.15
CA SER B 97 -23.77 -8.83 -17.18
C SER B 97 -25.00 -9.70 -17.18
N ILE B 98 -25.69 -9.74 -16.05
CA ILE B 98 -26.92 -10.53 -15.93
C ILE B 98 -28.17 -9.62 -15.87
N GLY B 99 -27.99 -8.38 -16.34
CA GLY B 99 -29.10 -7.45 -16.50
C GLY B 99 -29.50 -6.57 -15.35
N PHE B 100 -28.63 -6.39 -14.37
CA PHE B 100 -28.97 -5.51 -13.25
C PHE B 100 -28.18 -4.21 -13.30
N ASP B 101 -28.64 -3.24 -12.52
CA ASP B 101 -28.06 -1.89 -12.49
C ASP B 101 -26.89 -1.77 -11.51
N ARG B 102 -25.72 -1.38 -12.02
N ARG B 102 -25.74 -1.34 -12.03
CA ARG B 102 -24.50 -1.20 -11.20
CA ARG B 102 -24.51 -1.14 -11.25
C ARG B 102 -24.75 -0.17 -10.08
C ARG B 102 -24.77 -0.17 -10.09
N GLU B 103 -25.63 0.81 -10.33
CA GLU B 103 -25.95 1.83 -9.33
C GLU B 103 -26.68 1.32 -8.09
N ASP B 104 -27.55 0.32 -8.22
CA ASP B 104 -28.23 -0.25 -7.07
C ASP B 104 -27.22 -0.96 -6.15
N VAL B 105 -26.12 -1.44 -6.72
CA VAL B 105 -25.05 -2.09 -5.94
C VAL B 105 -24.23 -1.02 -5.23
N LEU B 106 -23.84 0.01 -5.96
CA LEU B 106 -23.00 1.08 -5.39
C LEU B 106 -23.66 1.85 -4.27
N SER B 107 -24.99 1.97 -4.30
CA SER B 107 -25.72 2.68 -3.25
C SER B 107 -26.25 1.79 -2.13
N SER B 108 -25.94 0.49 -2.17
CA SER B 108 -26.39 -0.44 -1.15
C SER B 108 -25.42 -0.51 0.02
N LYS B 109 -25.95 -0.85 1.19
CA LYS B 109 -25.14 -1.04 2.39
C LYS B 109 -24.89 -2.53 2.50
N PRO B 110 -23.67 -2.91 2.90
CA PRO B 110 -23.41 -4.33 3.09
C PRO B 110 -24.34 -4.99 4.13
N LEU B 111 -24.54 -6.30 4.00
CA LEU B 111 -25.32 -7.05 4.95
C LEU B 111 -24.49 -7.17 6.23
N PRO B 112 -25.13 -7.41 7.39
CA PRO B 112 -24.41 -7.46 8.67
C PRO B 112 -23.23 -8.45 8.71
N ALA B 113 -23.39 -9.64 8.15
CA ALA B 113 -22.31 -10.62 8.14
C ALA B 113 -21.12 -10.14 7.33
N THR B 114 -21.39 -9.37 6.27
CA THR B 114 -20.34 -8.85 5.37
C THR B 114 -19.59 -7.71 6.07
N GLU B 115 -20.33 -6.82 6.71
CA GLU B 115 -19.77 -5.73 7.50
C GLU B 115 -18.87 -6.34 8.63
N THR B 116 -19.33 -7.45 9.20
CA THR B 116 -18.58 -8.17 10.24
C THR B 116 -17.24 -8.73 9.72
N LEU B 117 -17.23 -9.28 8.52
CA LEU B 117 -15.99 -9.79 7.92
C LEU B 117 -15.00 -8.63 7.62
N ILE B 118 -15.52 -7.55 7.05
CA ILE B 118 -14.73 -6.36 6.75
C ILE B 118 -14.06 -5.85 8.03
N ALA B 119 -14.84 -5.69 9.10
CA ALA B 119 -14.31 -5.25 10.39
C ALA B 119 -13.17 -6.17 10.88
N TYR B 120 -13.41 -7.48 10.83
CA TYR B 120 -12.44 -8.46 11.27
C TYR B 120 -11.11 -8.40 10.52
N LEU B 121 -11.17 -8.33 9.20
CA LEU B 121 -9.99 -8.29 8.35
C LEU B 121 -9.14 -7.04 8.56
N TYR B 122 -9.78 -5.88 8.75
CA TYR B 122 -9.06 -4.64 9.09
C TYR B 122 -8.39 -4.76 10.47
N TRP B 123 -9.11 -5.33 11.42
CA TRP B 123 -8.59 -5.51 12.76
C TRP B 123 -7.37 -6.40 12.81
N ILE B 124 -7.39 -7.52 12.12
CA ILE B 124 -6.25 -8.44 12.13
C ILE B 124 -5.10 -7.96 11.21
N SER B 125 -5.39 -6.97 10.39
CA SER B 125 -4.37 -6.33 9.55
C SER B 125 -3.70 -5.18 10.30
N ALA B 126 -4.44 -4.49 11.16
CA ALA B 126 -3.95 -3.34 11.90
C ALA B 126 -3.31 -3.66 13.24
N THR B 127 -3.60 -4.84 13.80
CA THR B 127 -3.16 -5.21 15.13
C THR B 127 -2.60 -6.64 15.16
N GLY B 128 -1.99 -7.02 16.28
CA GLY B 128 -1.45 -8.34 16.52
C GLY B 128 -0.20 -8.73 15.74
N ASN B 129 0.02 -10.04 15.62
CA ASN B 129 1.13 -10.58 14.86
C ASN B 129 0.94 -10.27 13.37
N PRO B 130 1.80 -9.42 12.77
CA PRO B 130 1.61 -8.95 11.38
C PRO B 130 1.52 -10.03 10.29
N VAL B 131 2.01 -11.20 10.63
CA VAL B 131 2.00 -12.36 9.75
C VAL B 131 0.59 -12.92 9.54
N GLN B 132 -0.31 -12.69 10.49
CA GLN B 132 -1.61 -13.37 10.52
C GLN B 132 -2.55 -13.23 9.32
N ARG B 133 -2.52 -12.11 8.62
CA ARG B 133 -3.42 -11.94 7.49
C ARG B 133 -3.14 -12.98 6.42
N LEU B 134 -1.91 -13.50 6.34
CA LEU B 134 -1.56 -14.57 5.40
C LEU B 134 -2.46 -15.79 5.54
N GLY B 135 -3.06 -15.98 6.70
CA GLY B 135 -4.01 -17.09 6.93
C GLY B 135 -5.28 -16.92 6.11
N TYR B 136 -5.74 -15.68 5.99
CA TYR B 136 -6.90 -15.35 5.15
C TYR B 136 -6.57 -15.70 3.70
N SER B 137 -5.44 -15.16 3.23
CA SER B 137 -4.92 -15.36 1.89
C SER B 137 -4.76 -16.84 1.57
N TYR B 138 -4.32 -17.61 2.56
CA TYR B 138 -4.07 -19.03 2.35
C TYR B 138 -5.27 -19.76 1.76
N TRP B 139 -6.44 -19.67 2.39
CA TRP B 139 -7.62 -20.33 1.83
C TRP B 139 -8.22 -19.55 0.68
N ALA B 140 -8.19 -18.22 0.77
CA ALA B 140 -8.77 -17.33 -0.21
C ALA B 140 -8.15 -17.46 -1.62
N GLU B 141 -6.82 -17.60 -1.71
CA GLU B 141 -6.15 -17.80 -3.00
C GLU B 141 -6.28 -19.24 -3.51
N ASN B 142 -6.66 -20.16 -2.63
CA ASN B 142 -6.76 -21.59 -2.99
C ASN B 142 -8.19 -22.14 -2.81
N VAL B 143 -9.19 -21.31 -3.15
CA VAL B 143 -10.60 -21.66 -2.95
C VAL B 143 -11.28 -22.44 -4.10
N TYR B 144 -10.95 -22.07 -5.33
CA TYR B 144 -11.59 -22.58 -6.54
C TYR B 144 -11.73 -24.11 -6.61
N GLY B 145 -10.75 -24.83 -6.10
CA GLY B 145 -10.82 -26.30 -6.10
C GLY B 145 -11.96 -26.87 -5.28
N TYR B 146 -12.31 -26.22 -4.17
CA TYR B 146 -13.40 -26.69 -3.31
C TYR B 146 -14.77 -26.21 -3.81
N ILE B 147 -14.82 -24.97 -4.31
CA ILE B 147 -16.09 -24.41 -4.79
C ILE B 147 -16.36 -24.65 -6.28
N ASP B 148 -15.43 -25.32 -6.98
CA ASP B 148 -15.58 -25.54 -8.43
C ASP B 148 -16.95 -26.10 -8.80
N PRO B 149 -17.43 -27.15 -8.10
CA PRO B 149 -18.73 -27.73 -8.45
C PRO B 149 -19.91 -26.76 -8.31
N VAL B 150 -19.84 -25.85 -7.33
CA VAL B 150 -20.90 -24.86 -7.10
C VAL B 150 -20.91 -23.85 -8.27
N LEU B 151 -19.71 -23.42 -8.68
CA LEU B 151 -19.53 -22.51 -9.80
C LEU B 151 -20.05 -23.12 -11.10
N LYS B 152 -19.70 -24.40 -11.32
CA LYS B 152 -20.15 -25.13 -12.51
C LYS B 152 -21.67 -25.28 -12.58
N ALA B 153 -22.30 -25.44 -11.42
CA ALA B 153 -23.75 -25.57 -11.37
C ALA B 153 -24.44 -24.24 -11.61
N ILE B 154 -23.83 -23.13 -11.17
CA ILE B 154 -24.40 -21.80 -11.38
C ILE B 154 -24.34 -21.51 -12.89
N GLN B 155 -23.20 -21.82 -13.49
CA GLN B 155 -23.01 -21.59 -14.91
C GLN B 155 -24.01 -22.34 -15.76
N SER B 156 -24.40 -23.54 -15.32
CA SER B 156 -25.36 -24.36 -16.09
C SER B 156 -26.79 -23.87 -15.95
N THR B 157 -27.23 -23.63 -14.72
CA THR B 157 -28.61 -23.18 -14.47
C THR B 157 -28.93 -21.85 -15.13
N LEU B 158 -28.08 -20.86 -14.92
CA LEU B 158 -28.29 -19.52 -15.51
C LEU B 158 -27.66 -19.36 -16.91
N ASP B 159 -27.18 -20.46 -17.48
CA ASP B 159 -26.52 -20.51 -18.80
C ASP B 159 -25.62 -19.29 -19.00
N LEU B 160 -24.63 -19.17 -18.13
CA LEU B 160 -23.70 -18.05 -18.14
C LEU B 160 -22.48 -18.33 -19.01
N THR B 161 -21.92 -17.26 -19.60
CA THR B 161 -20.71 -17.32 -20.39
C THR B 161 -19.63 -16.79 -19.42
N PRO B 162 -18.34 -16.91 -19.79
CA PRO B 162 -17.24 -16.33 -18.99
C PRO B 162 -17.37 -14.82 -18.73
N GLN B 163 -18.17 -14.12 -19.54
CA GLN B 163 -18.39 -12.69 -19.38
C GLN B 163 -19.18 -12.36 -18.12
N SER B 164 -20.09 -13.25 -17.72
CA SER B 164 -20.90 -13.07 -16.51
C SER B 164 -20.26 -13.72 -15.27
N MSE B 165 -19.01 -14.14 -15.38
CA MSE B 165 -18.35 -14.85 -14.30
C MSE B 165 -16.86 -14.44 -14.20
O MSE B 165 -16.01 -15.25 -13.84
CB MSE B 165 -18.53 -16.35 -14.60
CG MSE B 165 -18.74 -17.23 -13.40
SE MSE B 165 -19.63 -18.96 -13.89
CE MSE B 165 -21.17 -18.30 -14.66
N LYS B 166 -16.56 -13.16 -14.48
CA LYS B 166 -15.20 -12.64 -14.46
C LYS B 166 -14.55 -12.77 -13.07
N PHE B 167 -15.33 -12.48 -12.04
CA PHE B 167 -14.79 -12.52 -10.69
C PHE B 167 -14.20 -13.87 -10.33
N PHE B 168 -14.85 -14.96 -10.73
CA PHE B 168 -14.37 -16.30 -10.41
C PHE B 168 -13.49 -16.98 -11.45
N ILE B 169 -13.39 -16.49 -12.68
CA ILE B 169 -12.53 -17.22 -13.63
C ILE B 169 -11.72 -16.37 -14.62
N ALA B 170 -11.65 -15.06 -14.42
CA ALA B 170 -10.86 -14.20 -15.31
C ALA B 170 -9.41 -14.33 -14.90
N HIS B 171 -9.17 -14.14 -13.62
CA HIS B 171 -7.84 -14.21 -13.02
C HIS B 171 -7.59 -15.61 -12.41
N SER B 172 -7.54 -16.62 -13.28
CA SER B 172 -7.29 -18.01 -12.83
C SER B 172 -5.79 -18.30 -12.83
N LYS B 173 -5.09 -17.90 -13.89
CA LYS B 173 -3.65 -18.07 -13.97
C LYS B 173 -2.98 -17.17 -12.92
N ILE B 174 -3.53 -15.99 -12.70
CA ILE B 174 -3.01 -15.04 -11.72
C ILE B 174 -3.23 -15.63 -10.31
N ASP B 175 -4.40 -16.22 -10.09
CA ASP B 175 -4.76 -16.84 -8.81
C ASP B 175 -3.82 -18.01 -8.44
N ALA B 176 -3.44 -18.83 -9.43
CA ALA B 176 -2.52 -19.94 -9.18
C ALA B 176 -1.14 -19.43 -8.74
N LYS B 177 -0.68 -18.35 -9.37
CA LYS B 177 0.60 -17.72 -9.01
C LYS B 177 0.54 -17.10 -7.59
N HIS B 178 -0.59 -16.47 -7.25
CA HIS B 178 -0.80 -15.85 -5.93
C HIS B 178 -0.82 -16.87 -4.78
N ALA B 179 -1.40 -18.04 -5.03
CA ALA B 179 -1.39 -19.13 -4.06
C ALA B 179 0.07 -19.56 -3.80
N GLU B 180 0.87 -19.69 -4.85
CA GLU B 180 2.29 -20.06 -4.70
C GLU B 180 3.05 -18.99 -3.90
N GLU B 181 2.76 -17.73 -4.21
CA GLU B 181 3.42 -16.58 -3.56
C GLU B 181 3.08 -16.51 -2.06
N VAL B 182 1.81 -16.77 -1.70
CA VAL B 182 1.39 -16.79 -0.31
C VAL B 182 2.12 -17.93 0.44
N ASN B 183 2.15 -19.11 -0.16
CA ASN B 183 2.83 -20.26 0.44
C ASN B 183 4.31 -19.97 0.68
N GLU B 184 4.98 -19.39 -0.31
CA GLU B 184 6.39 -19.02 -0.18
C GLU B 184 6.56 -17.98 0.94
N MSE B 185 5.69 -16.98 0.98
CA MSE B 185 5.77 -15.94 2.02
C MSE B 185 5.53 -16.54 3.41
O MSE B 185 6.24 -16.21 4.35
CB MSE B 185 4.82 -14.78 1.73
CG MSE B 185 5.05 -13.51 2.58
SE MSE B 185 6.85 -12.78 2.36
CE MSE B 185 6.88 -12.60 0.51
N LEU B 186 4.56 -17.46 3.53
CA LEU B 186 4.30 -18.17 4.80
C LEU B 186 5.54 -18.90 5.33
N HIS B 187 6.28 -19.58 4.47
CA HIS B 187 7.50 -20.29 4.91
C HIS B 187 8.58 -19.31 5.33
N GLU B 188 8.58 -18.16 4.67
CA GLU B 188 9.56 -17.11 4.91
C GLU B 188 9.36 -16.39 6.25
N VAL B 189 8.11 -15.96 6.54
CA VAL B 189 7.80 -15.14 7.71
C VAL B 189 7.43 -15.85 9.01
N CYS B 190 7.12 -17.13 8.94
CA CYS B 190 6.77 -17.91 10.14
C CYS B 190 8.02 -18.50 10.78
N LYS B 191 8.48 -17.86 11.86
CA LYS B 191 9.71 -18.26 12.57
C LYS B 191 9.47 -19.02 13.88
N THR B 192 8.34 -18.78 14.53
CA THR B 192 7.97 -19.44 15.77
C THR B 192 6.58 -20.05 15.63
N GLN B 193 6.20 -20.91 16.58
CA GLN B 193 4.89 -21.56 16.53
C GLN B 193 3.78 -20.55 16.78
N GLU B 194 4.08 -19.50 17.56
CA GLU B 194 3.11 -18.43 17.77
C GLU B 194 2.77 -17.74 16.44
N ASP B 195 3.75 -17.59 15.56
CA ASP B 195 3.52 -17.04 14.22
C ASP B 195 2.50 -17.90 13.46
N VAL B 196 2.75 -19.21 13.47
CA VAL B 196 1.90 -20.21 12.82
C VAL B 196 0.50 -20.23 13.41
N ASP B 197 0.41 -20.17 14.73
CA ASP B 197 -0.89 -20.18 15.42
C ASP B 197 -1.74 -18.98 15.02
N SER B 198 -1.11 -17.82 14.89
CA SER B 198 -1.81 -16.60 14.53
C SER B 198 -2.36 -16.69 13.08
N VAL B 199 -1.58 -17.32 12.19
CA VAL B 199 -2.01 -17.57 10.81
C VAL B 199 -3.21 -18.53 10.79
N VAL B 200 -3.16 -19.58 11.60
CA VAL B 200 -4.26 -20.55 11.67
C VAL B 200 -5.56 -19.95 12.26
N ALA B 201 -5.42 -19.09 13.28
CA ALA B 201 -6.57 -18.47 13.92
C ALA B 201 -7.30 -17.60 12.90
N VAL B 202 -6.55 -16.82 12.14
CA VAL B 202 -7.14 -15.93 11.11
C VAL B 202 -7.73 -16.69 9.95
N MSE B 203 -7.04 -17.74 9.53
CA MSE B 203 -7.51 -18.59 8.42
C MSE B 203 -8.89 -19.14 8.75
O MSE B 203 -9.82 -19.10 7.93
CB MSE B 203 -6.53 -19.74 8.24
CG MSE B 203 -6.77 -20.66 7.06
SE MSE B 203 -5.64 -22.25 7.21
CE MSE B 203 -6.56 -23.26 8.66
N GLU B 204 -9.01 -19.65 9.98
CA GLU B 204 -10.23 -20.25 10.48
C GLU B 204 -11.37 -19.27 10.65
N ASN B 205 -11.10 -18.16 11.34
CA ASN B 205 -12.16 -17.21 11.61
C ASN B 205 -12.62 -16.43 10.36
N SER B 206 -11.69 -16.11 9.47
CA SER B 206 -12.06 -15.40 8.24
C SER B 206 -12.97 -16.29 7.40
N LEU B 207 -12.74 -17.60 7.40
CA LEU B 207 -13.58 -18.54 6.65
C LEU B 207 -14.93 -18.77 7.36
N VAL B 208 -14.92 -18.87 8.69
CA VAL B 208 -16.15 -18.95 9.47
C VAL B 208 -17.02 -17.70 9.17
N LEU B 209 -16.42 -16.51 9.18
CA LEU B 209 -17.17 -15.28 8.93
C LEU B 209 -17.65 -15.16 7.47
N THR B 210 -16.86 -15.65 6.53
CA THR B 210 -17.25 -15.65 5.12
C THR B 210 -18.47 -16.57 4.95
N ALA B 211 -18.48 -17.69 5.67
CA ALA B 211 -19.59 -18.63 5.62
C ALA B 211 -20.89 -18.02 6.16
N ARG B 212 -20.80 -17.11 7.13
CA ARG B 212 -21.99 -16.42 7.66
C ARG B 212 -22.61 -15.49 6.60
N ILE B 213 -21.81 -15.06 5.63
CA ILE B 213 -22.34 -14.22 4.53
C ILE B 213 -23.36 -15.03 3.71
N LEU B 214 -23.05 -16.30 3.46
CA LEU B 214 -23.95 -17.20 2.72
C LEU B 214 -25.31 -17.32 3.42
N ASP B 215 -25.28 -17.35 4.76
CA ASP B 215 -26.48 -17.41 5.58
C ASP B 215 -27.30 -16.13 5.45
N ASP B 216 -26.65 -14.97 5.53
CA ASP B 216 -27.35 -13.70 5.34
C ASP B 216 -27.93 -13.57 3.94
N VAL B 217 -27.16 -13.98 2.94
CA VAL B 217 -27.61 -13.97 1.53
C VAL B 217 -28.86 -14.83 1.36
N TRP B 218 -28.86 -16.02 1.95
CA TRP B 218 -30.02 -16.90 1.87
C TRP B 218 -31.25 -16.32 2.60
N LYS B 219 -31.08 -15.82 3.82
CA LYS B 219 -32.21 -15.23 4.55
C LYS B 219 -32.85 -14.08 3.75
N GLU B 220 -32.04 -13.17 3.22
CA GLU B 220 -32.57 -12.03 2.43
C GLU B 220 -33.16 -12.47 1.08
N TYR B 221 -32.67 -13.58 0.54
CA TYR B 221 -33.20 -14.14 -0.71
C TYR B 221 -34.59 -14.73 -0.50
N GLN B 222 -34.81 -15.35 0.65
CA GLN B 222 -36.12 -15.92 0.94
C GLN B 222 -37.13 -14.80 1.17
N LEU B 223 -36.68 -13.73 1.83
CA LEU B 223 -37.49 -12.54 2.05
C LEU B 223 -37.69 -11.80 0.74
N PHE B 224 -36.73 -11.91 -0.17
CA PHE B 224 -36.82 -11.25 -1.50
C PHE B 224 -38.06 -11.68 -2.28
N GLN B 225 -38.33 -12.99 -2.37
CA GLN B 225 -39.58 -13.42 -3.01
C GLN B 225 -40.70 -13.43 -1.96
N SER B 226 -40.89 -12.29 -1.30
CA SER B 226 -41.86 -12.18 -0.22
C SER B 226 -42.07 -10.71 0.22
N GLY B 227 -41.74 -10.40 1.48
CA GLY B 227 -42.01 -9.10 2.07
C GLY B 227 -40.84 -8.25 2.51
N ALA B 228 -39.75 -8.28 1.76
CA ALA B 228 -38.61 -7.40 1.98
C ALA B 228 -38.38 -6.75 0.64
N SER B 229 -38.75 -5.47 0.53
CA SER B 229 -38.47 -4.71 -0.70
C SER B 229 -37.04 -4.14 -0.62
N ASP B 230 -36.11 -4.90 -0.05
CA ASP B 230 -34.70 -4.51 0.05
C ASP B 230 -34.04 -4.57 -1.33
N ARG B 231 -34.60 -5.35 -2.27
CA ARG B 231 -34.04 -5.50 -3.62
C ARG B 231 -35.01 -5.10 -4.79
N TYR B 232 -34.49 -5.19 -6.02
CA TYR B 232 -35.09 -4.72 -7.31
C TYR B 232 -35.01 -5.77 -8.44
N ALA B 233 -36.15 -6.31 -8.83
CA ALA B 233 -36.25 -7.27 -9.95
C ALA B 233 -37.71 -7.51 -10.29
C1 PEG C . -5.20 10.31 13.19
O1 PEG C . -4.03 10.83 12.48
C2 PEG C . -6.50 10.71 12.47
O2 PEG C . -7.16 11.74 13.21
C3 PEG C . -8.21 12.42 12.49
C4 PEG C . -8.73 13.62 13.31
O4 PEG C . -8.91 14.77 12.48
C1 PEG D . -10.31 3.19 7.00
O1 PEG D . -9.56 2.48 7.99
C2 PEG D . -11.06 2.23 6.07
O2 PEG D . -11.41 2.88 4.84
C3 PEG D . -12.72 2.57 4.34
C4 PEG D . -13.74 3.52 4.98
O4 PEG D . -15.08 3.03 4.78
N NO3 E . -6.48 -11.43 -0.27
O1 NO3 E . -6.48 -10.04 -0.53
O2 NO3 E . -5.32 -12.18 0.04
O3 NO3 E . -7.69 -12.11 -0.30
C1 EDO F . -0.19 -26.71 11.93
O1 EDO F . -0.26 -25.81 13.05
C2 EDO F . 0.63 -26.10 10.80
O2 EDO F . 2.05 -26.34 10.93
C1 PGE G . -18.31 -18.52 -1.52
O1 PGE G . -18.70 -19.90 -1.53
C2 PGE G . -17.23 -18.21 -0.49
O2 PGE G . -15.94 -18.07 -1.10
C3 PGE G . -15.68 -16.78 -1.65
C4 PGE G . -14.29 -16.79 -2.30
O4 PGE G . -12.39 -13.37 -1.91
C6 PGE G . -11.78 -14.19 -2.93
C5 PGE G . -12.77 -15.27 -3.33
O3 PGE G . -13.70 -15.49 -2.26
C1 PEG H . -5.88 -9.40 16.67
O1 PEG H . -4.71 -9.06 15.97
C2 PEG H . -5.80 -10.86 17.11
O2 PEG H . -6.64 -11.67 16.27
C3 PEG H . -6.23 -13.03 16.20
C4 PEG H . -7.07 -13.82 15.20
O4 PEG H . -8.48 -13.53 15.32
#